data_4L83
#
_entry.id   4L83
#
_cell.length_a   34.850
_cell.length_b   52.030
_cell.length_c   108.610
_cell.angle_alpha   90.000
_cell.angle_beta   90.000
_cell.angle_gamma   90.000
#
_symmetry.space_group_name_H-M   'P 21 2 21'
#
loop_
_entity.id
_entity.type
_entity.pdbx_description
1 polymer 'Ube2i2 protein'
2 non-polymer 1,2-ETHANEDIOL
3 water water
#
_entity_poly.entity_id   1
_entity_poly.type   'polypeptide(L)'
_entity_poly.pdbx_seq_one_letter_code
;MAHHHHHHMSGIAAGRLAEERKAWRKNHPFGFIAKPSSNPDGTRNLFIWECAIPGKKGTIWEGGLYKIRMQFKDDYPSTP
PKCKFDPPLFHPNVYPSGTVCLSILDENKDWKPSISVRQLLIGIQDLLTNPNVDDPAQADAYQIYCQNRVEYEKRVRRQA
QQFSAEIVQRQMLDN
;
_entity_poly.pdbx_strand_id   A
#
# COMPACT_ATOMS: atom_id res chain seq x y z
N GLY A 11 -6.28 -20.17 -15.92
N GLY A 11 -3.91 -20.35 -14.07
CA GLY A 11 -5.50 -20.18 -14.65
CA GLY A 11 -5.30 -20.17 -14.58
C GLY A 11 -6.33 -19.61 -13.52
C GLY A 11 -6.25 -19.62 -13.52
N ILE A 12 -6.24 -20.22 -12.34
CA ILE A 12 -7.06 -19.76 -11.21
C ILE A 12 -6.72 -18.34 -10.85
N ALA A 13 -5.41 -18.05 -10.75
CA ALA A 13 -4.94 -16.73 -10.36
C ALA A 13 -5.33 -15.70 -11.39
N ALA A 14 -5.09 -15.99 -12.67
CA ALA A 14 -5.39 -15.01 -13.70
C ALA A 14 -6.87 -14.67 -13.76
N GLY A 15 -7.72 -15.68 -13.58
CA GLY A 15 -9.16 -15.45 -13.58
C GLY A 15 -9.60 -14.53 -12.47
N ARG A 16 -9.06 -14.78 -11.28
CA ARG A 16 -9.40 -13.96 -10.13
C ARG A 16 -8.86 -12.55 -10.29
N LEU A 17 -7.66 -12.44 -10.85
CA LEU A 17 -7.06 -11.10 -11.04
C LEU A 17 -7.85 -10.26 -12.04
N ALA A 18 -8.38 -10.89 -13.09
CA ALA A 18 -9.25 -10.16 -14.02
C ALA A 18 -10.54 -9.70 -13.33
N GLU A 19 -11.08 -10.55 -12.45
CA GLU A 19 -12.25 -10.17 -11.63
C GLU A 19 -11.96 -8.99 -10.72
N GLU A 20 -10.78 -9.00 -10.09
CA GLU A 20 -10.38 -7.90 -9.20
C GLU A 20 -10.24 -6.59 -9.97
N ARG A 21 -9.60 -6.64 -11.14
CA ARG A 21 -9.51 -5.47 -12.00
C ARG A 21 -10.88 -4.91 -12.37
N LYS A 22 -11.80 -5.78 -12.74
CA LYS A 22 -13.12 -5.34 -13.13
C LYS A 22 -13.85 -4.70 -11.95
N ALA A 23 -13.76 -5.32 -10.79
CA ALA A 23 -14.45 -4.81 -9.60
C ALA A 23 -13.87 -3.45 -9.20
N TRP A 24 -12.56 -3.31 -9.29
CA TRP A 24 -11.90 -2.06 -8.91
C TRP A 24 -12.32 -0.94 -9.87
N ARG A 25 -12.27 -1.21 -11.16
CA ARG A 25 -12.67 -0.22 -12.16
C ARG A 25 -14.14 0.19 -12.00
N LYS A 26 -15.00 -0.74 -11.59
CA LYS A 26 -16.42 -0.45 -11.40
C LYS A 26 -16.68 0.49 -10.23
N ASN A 27 -16.03 0.21 -9.09
CA ASN A 27 -16.10 1.10 -7.95
CA ASN A 27 -16.18 0.99 -7.85
C ASN A 27 -14.88 0.91 -7.05
N HIS A 28 -14.27 2.02 -6.70
CA HIS A 28 -13.11 1.98 -5.80
C HIS A 28 -13.07 3.27 -4.98
N PRO A 29 -12.35 3.25 -3.85
CA PRO A 29 -12.33 4.45 -3.02
C PRO A 29 -11.60 5.63 -3.67
N PHE A 30 -12.14 6.82 -3.46
CA PHE A 30 -11.64 8.01 -4.10
C PHE A 30 -10.18 8.25 -3.76
N GLY A 31 -9.38 8.49 -4.79
CA GLY A 31 -7.99 8.88 -4.58
C GLY A 31 -7.02 7.71 -4.62
N PHE A 32 -7.54 6.49 -4.52
CA PHE A 32 -6.70 5.29 -4.62
C PHE A 32 -6.44 4.94 -6.08
N ILE A 33 -5.27 4.35 -6.33
CA ILE A 33 -4.91 3.83 -7.64
C ILE A 33 -4.57 2.35 -7.50
N ALA A 34 -5.00 1.52 -8.45
CA ALA A 34 -4.59 0.12 -8.46
C ALA A 34 -4.73 -0.43 -9.88
N LYS A 35 -3.61 -0.63 -10.55
CA LYS A 35 -3.67 -0.97 -11.94
C LYS A 35 -2.62 -2.01 -12.28
N PRO A 36 -3.03 -3.09 -12.96
CA PRO A 36 -2.02 -3.98 -13.52
C PRO A 36 -1.00 -3.22 -14.34
N SER A 37 0.24 -3.67 -14.25
CA SER A 37 1.30 -3.08 -15.04
C SER A 37 1.19 -3.53 -16.49
N SER A 38 2.08 -2.97 -17.31
CA SER A 38 2.10 -3.28 -18.71
C SER A 38 3.41 -3.95 -19.08
N ASN A 39 3.28 -5.02 -19.84
CA ASN A 39 4.39 -5.67 -20.53
C ASN A 39 4.97 -4.72 -21.57
N PRO A 40 6.16 -5.03 -22.14
CA PRO A 40 6.83 -4.04 -23.00
C PRO A 40 5.95 -3.55 -24.15
N ASP A 41 5.12 -4.45 -24.67
CA ASP A 41 4.31 -4.21 -25.86
C ASP A 41 2.98 -3.53 -25.57
N GLY A 42 2.66 -3.35 -24.28
CA GLY A 42 1.40 -2.73 -23.88
C GLY A 42 0.39 -3.72 -23.35
N THR A 43 0.66 -5.02 -23.48
CA THR A 43 -0.23 -6.04 -22.89
C THR A 43 -0.27 -5.88 -21.40
N ARG A 44 -1.39 -6.29 -20.85
CA ARG A 44 -1.62 -6.22 -19.44
C ARG A 44 -0.89 -7.37 -18.74
N ASN A 45 -0.19 -7.06 -17.65
CA ASN A 45 0.39 -8.07 -16.78
C ASN A 45 -0.40 -8.09 -15.48
N LEU A 46 -1.29 -9.06 -15.36
CA LEU A 46 -2.17 -9.14 -14.20
C LEU A 46 -1.46 -9.46 -12.88
N PHE A 47 -0.22 -9.92 -12.94
CA PHE A 47 0.48 -10.42 -11.75
C PHE A 47 1.33 -9.36 -11.05
N ILE A 48 1.47 -8.20 -11.66
CA ILE A 48 2.15 -7.07 -11.00
C ILE A 48 1.25 -5.85 -11.10
N TRP A 49 0.82 -5.30 -9.97
CA TRP A 49 0.03 -4.08 -10.00
C TRP A 49 0.76 -2.91 -9.36
N GLU A 50 0.64 -1.76 -10.00
CA GLU A 50 1.18 -0.52 -9.44
C GLU A 50 0.00 0.20 -8.80
N CYS A 51 0.09 0.42 -7.49
CA CYS A 51 -0.99 1.01 -6.72
C CYS A 51 -0.49 2.26 -5.98
N ALA A 52 -1.44 2.99 -5.40
CA ALA A 52 -1.11 4.11 -4.54
C ALA A 52 -2.25 4.38 -3.59
N ILE A 53 -1.87 4.74 -2.36
CA ILE A 53 -2.79 4.97 -1.29
C ILE A 53 -2.75 6.45 -0.89
N PRO A 54 -3.91 7.14 -0.92
CA PRO A 54 -3.93 8.52 -0.48
C PRO A 54 -3.92 8.61 1.03
N GLY A 55 -3.31 9.65 1.57
CA GLY A 55 -3.37 9.86 3.00
C GLY A 55 -4.79 10.16 3.41
N LYS A 56 -5.19 9.63 4.57
CA LYS A 56 -6.53 9.84 5.10
C LYS A 56 -6.82 11.32 5.41
N LYS A 57 -7.92 11.83 4.88
CA LYS A 57 -8.31 13.21 5.12
C LYS A 57 -8.50 13.47 6.62
N GLY A 58 -8.09 14.65 7.05
CA GLY A 58 -8.16 15.03 8.47
C GLY A 58 -7.07 14.42 9.34
N THR A 59 -6.06 13.84 8.71
CA THR A 59 -4.91 13.27 9.43
C THR A 59 -3.60 13.90 8.97
N ILE A 60 -2.54 13.60 9.72
CA ILE A 60 -1.20 14.06 9.38
C ILE A 60 -0.72 13.46 8.04
N TRP A 61 -1.39 12.40 7.56
CA TRP A 61 -1.07 11.79 6.25
C TRP A 61 -1.68 12.53 5.05
N GLU A 62 -2.62 13.43 5.29
CA GLU A 62 -3.40 14.04 4.21
C GLU A 62 -2.53 14.80 3.21
N GLY A 63 -2.88 14.68 1.93
CA GLY A 63 -2.16 15.35 0.87
C GLY A 63 -1.13 14.49 0.20
N GLY A 64 -0.66 13.46 0.91
CA GLY A 64 0.30 12.52 0.37
C GLY A 64 -0.37 11.42 -0.42
N LEU A 65 0.38 10.84 -1.36
CA LEU A 65 -0.04 9.71 -2.17
C LEU A 65 1.13 8.72 -2.20
N TYR A 66 0.92 7.54 -1.63
CA TYR A 66 2.01 6.65 -1.24
C TYR A 66 1.98 5.41 -2.15
N LYS A 67 2.92 5.37 -3.08
CA LYS A 67 2.96 4.29 -4.10
CA LYS A 67 2.98 4.30 -4.09
C LYS A 67 3.34 2.95 -3.47
N ILE A 68 2.62 1.90 -3.86
CA ILE A 68 2.82 0.54 -3.34
C ILE A 68 2.60 -0.47 -4.45
N ARG A 69 3.52 -1.42 -4.56
CA ARG A 69 3.50 -2.44 -5.61
CA ARG A 69 3.50 -2.43 -5.62
C ARG A 69 2.95 -3.73 -5.04
N MET A 70 2.11 -4.42 -5.81
CA MET A 70 1.62 -5.75 -5.45
C MET A 70 2.12 -6.76 -6.46
N GLN A 71 2.76 -7.82 -5.96
CA GLN A 71 3.22 -8.92 -6.80
C GLN A 71 2.49 -10.21 -6.44
N PHE A 72 1.75 -10.76 -7.38
CA PHE A 72 0.99 -11.98 -7.16
C PHE A 72 1.71 -13.20 -7.69
N LYS A 73 1.63 -14.30 -6.93
CA LYS A 73 2.18 -15.59 -7.30
C LYS A 73 1.15 -16.39 -8.09
N ASP A 74 1.58 -17.47 -8.73
CA ASP A 74 0.66 -18.28 -9.51
C ASP A 74 -0.38 -18.99 -8.66
N ASP A 75 -0.13 -19.10 -7.36
CA ASP A 75 -1.15 -19.73 -6.50
C ASP A 75 -1.99 -18.73 -5.69
N TYR A 76 -1.97 -17.46 -6.07
CA TYR A 76 -3.01 -16.52 -5.65
C TYR A 76 -4.36 -17.08 -6.11
N PRO A 77 -5.41 -17.00 -5.27
CA PRO A 77 -5.53 -16.36 -3.97
C PRO A 77 -5.32 -17.26 -2.74
N SER A 78 -4.71 -18.43 -2.90
CA SER A 78 -4.23 -19.18 -1.75
C SER A 78 -3.25 -18.33 -0.94
N THR A 79 -2.33 -17.70 -1.66
CA THR A 79 -1.33 -16.81 -1.07
C THR A 79 -1.73 -15.38 -1.40
N PRO A 80 -1.46 -14.45 -0.48
CA PRO A 80 -1.66 -13.03 -0.77
C PRO A 80 -0.56 -12.45 -1.68
N PRO A 81 -0.82 -11.32 -2.36
CA PRO A 81 0.31 -10.67 -3.00
C PRO A 81 1.37 -10.19 -1.99
N LYS A 82 2.62 -10.11 -2.46
CA LYS A 82 3.65 -9.38 -1.72
CA LYS A 82 3.64 -9.38 -1.71
C LYS A 82 3.40 -7.89 -1.96
N CYS A 83 3.29 -7.11 -0.89
CA CYS A 83 3.01 -5.68 -0.97
C CYS A 83 4.24 -4.93 -0.48
N LYS A 84 4.67 -3.93 -1.23
CA LYS A 84 5.89 -3.20 -0.90
CA LYS A 84 5.90 -3.21 -0.91
C LYS A 84 5.79 -1.76 -1.33
N PHE A 85 5.88 -0.85 -0.36
CA PHE A 85 5.91 0.59 -0.64
C PHE A 85 7.19 0.91 -1.40
N ASP A 86 7.06 1.68 -2.47
CA ASP A 86 8.21 2.13 -3.23
CA ASP A 86 8.20 2.12 -3.25
C ASP A 86 7.96 3.56 -3.68
N PRO A 87 8.70 4.51 -3.09
CA PRO A 87 9.83 4.25 -2.17
C PRO A 87 9.42 3.87 -0.75
N PRO A 88 10.36 3.36 0.05
CA PRO A 88 10.00 3.02 1.43
C PRO A 88 9.46 4.24 2.21
N LEU A 89 8.56 3.97 3.14
CA LEU A 89 7.88 5.01 3.90
C LEU A 89 8.38 5.02 5.32
N PHE A 90 8.40 6.19 5.92
CA PHE A 90 8.57 6.35 7.36
C PHE A 90 7.25 6.05 8.07
N HIS A 91 7.21 4.94 8.81
CA HIS A 91 6.02 4.52 9.57
C HIS A 91 6.46 3.40 10.49
N PRO A 92 5.89 3.31 11.72
CA PRO A 92 6.36 2.28 12.66
C PRO A 92 6.25 0.84 12.21
N ASN A 93 5.29 0.53 11.32
CA ASN A 93 4.99 -0.84 10.88
C ASN A 93 5.40 -1.15 9.41
N VAL A 94 6.18 -0.26 8.82
CA VAL A 94 6.72 -0.45 7.49
C VAL A 94 8.22 -0.68 7.64
N TYR A 95 8.65 -1.84 7.16
CA TYR A 95 10.06 -2.23 7.24
C TYR A 95 10.90 -1.28 6.40
N PRO A 96 12.20 -1.16 6.72
CA PRO A 96 13.08 -0.30 5.89
C PRO A 96 13.07 -0.62 4.40
N SER A 97 12.77 -1.87 4.04
CA SER A 97 12.67 -2.27 2.63
C SER A 97 11.40 -1.71 1.95
N GLY A 98 10.40 -1.34 2.75
CA GLY A 98 9.09 -0.94 2.24
C GLY A 98 7.99 -1.97 2.39
N THR A 99 8.32 -3.21 2.74
CA THR A 99 7.28 -4.19 3.07
C THR A 99 6.57 -3.81 4.37
N VAL A 100 5.44 -4.45 4.63
CA VAL A 100 4.53 -4.03 5.71
C VAL A 100 4.30 -5.17 6.69
N CYS A 101 4.26 -4.82 7.98
CA CYS A 101 3.92 -5.77 9.01
C CYS A 101 2.42 -5.68 9.25
N LEU A 102 1.67 -6.64 8.72
CA LEU A 102 0.20 -6.60 8.75
C LEU A 102 -0.33 -8.02 8.59
N SER A 103 -1.19 -8.46 9.51
CA SER A 103 -1.58 -9.89 9.58
CA SER A 103 -1.60 -9.87 9.59
C SER A 103 -2.41 -10.35 8.40
N ILE A 104 -3.19 -9.45 7.80
CA ILE A 104 -3.97 -9.87 6.60
C ILE A 104 -3.12 -10.14 5.37
N LEU A 105 -1.83 -9.78 5.42
CA LEU A 105 -0.89 -10.08 4.35
C LEU A 105 -0.15 -11.40 4.54
N ASP A 106 -0.55 -12.21 5.53
CA ASP A 106 0.12 -13.48 5.78
C ASP A 106 -0.87 -14.62 5.77
N GLU A 107 -0.67 -15.54 4.83
CA GLU A 107 -1.52 -16.73 4.70
C GLU A 107 -1.58 -17.58 5.97
N ASN A 108 -0.54 -17.51 6.79
CA ASN A 108 -0.52 -18.23 8.04
C ASN A 108 -1.08 -17.44 9.24
N LYS A 109 -1.60 -16.22 8.99
CA LYS A 109 -2.29 -15.45 10.02
C LYS A 109 -3.72 -15.11 9.56
N ASP A 110 -3.97 -13.90 9.05
CA ASP A 110 -5.34 -13.48 8.77
C ASP A 110 -5.73 -13.32 7.30
N TRP A 111 -4.82 -13.56 6.38
CA TRP A 111 -5.20 -13.63 5.00
C TRP A 111 -6.23 -14.75 4.79
N LYS A 112 -7.23 -14.48 3.97
CA LYS A 112 -8.07 -15.50 3.42
C LYS A 112 -8.35 -15.17 1.96
N PRO A 113 -8.54 -16.20 1.14
CA PRO A 113 -8.59 -15.99 -0.30
C PRO A 113 -9.63 -14.99 -0.81
N SER A 114 -10.71 -14.78 -0.05
CA SER A 114 -11.79 -13.91 -0.51
C SER A 114 -11.44 -12.43 -0.39
N ILE A 115 -10.38 -12.08 0.34
CA ILE A 115 -10.03 -10.66 0.53
C ILE A 115 -9.69 -10.02 -0.81
N SER A 116 -10.24 -8.83 -1.05
CA SER A 116 -10.08 -8.13 -2.33
C SER A 116 -8.90 -7.18 -2.33
N VAL A 117 -8.51 -6.74 -3.51
CA VAL A 117 -7.46 -5.69 -3.62
C VAL A 117 -7.89 -4.42 -2.86
N ARG A 118 -9.16 -4.03 -3.01
CA ARG A 118 -9.69 -2.88 -2.28
CA ARG A 118 -9.74 -2.90 -2.28
C ARG A 118 -9.53 -3.06 -0.77
N GLN A 119 -9.89 -4.22 -0.25
CA GLN A 119 -9.73 -4.45 1.19
C GLN A 119 -8.29 -4.40 1.65
N LEU A 120 -7.36 -4.89 0.82
CA LEU A 120 -5.93 -4.80 1.15
C LEU A 120 -5.48 -3.35 1.25
N LEU A 121 -5.83 -2.56 0.24
CA LEU A 121 -5.36 -1.17 0.22
C LEU A 121 -6.00 -0.31 1.32
N ILE A 122 -7.27 -0.55 1.61
CA ILE A 122 -7.97 0.08 2.75
CA ILE A 122 -7.95 0.12 2.73
C ILE A 122 -7.34 -0.33 4.08
N GLY A 123 -7.02 -1.60 4.21
CA GLY A 123 -6.35 -2.12 5.41
C GLY A 123 -4.98 -1.50 5.63
N ILE A 124 -4.23 -1.37 4.54
CA ILE A 124 -2.93 -0.72 4.62
C ILE A 124 -3.09 0.78 4.95
N GLN A 125 -4.03 1.47 4.33
CA GLN A 125 -4.30 2.86 4.70
C GLN A 125 -4.62 3.00 6.19
N ASP A 126 -5.43 2.09 6.70
CA ASP A 126 -5.84 2.15 8.11
C ASP A 126 -4.64 1.97 9.03
N LEU A 127 -3.71 1.12 8.62
CA LEU A 127 -2.43 0.98 9.34
C LEU A 127 -1.59 2.25 9.32
N LEU A 128 -1.48 2.92 8.15
CA LEU A 128 -0.77 4.21 8.11
C LEU A 128 -1.35 5.15 9.16
N THR A 129 -2.66 5.33 9.12
CA THR A 129 -3.35 6.20 10.06
C THR A 129 -3.16 5.79 11.53
N ASN A 130 -3.22 4.47 11.76
CA ASN A 130 -3.27 3.90 13.10
C ASN A 130 -2.20 2.83 13.27
N PRO A 131 -0.99 3.26 13.67
CA PRO A 131 0.08 2.27 13.89
C PRO A 131 -0.28 1.23 14.95
N ASN A 132 0.30 0.04 14.79
CA ASN A 132 0.13 -1.05 15.75
C ASN A 132 1.39 -1.14 16.60
N VAL A 133 1.28 -0.72 17.86
CA VAL A 133 2.45 -0.67 18.71
C VAL A 133 2.96 -2.06 19.12
N ASP A 134 2.19 -3.10 18.84
CA ASP A 134 2.65 -4.48 19.08
C ASP A 134 3.51 -5.04 17.95
N ASP A 135 3.60 -4.33 16.83
CA ASP A 135 4.25 -4.84 15.60
C ASP A 135 5.34 -3.96 15.02
N PRO A 136 6.35 -3.60 15.83
CA PRO A 136 7.34 -2.66 15.30
C PRO A 136 8.08 -3.27 14.11
N ALA A 137 8.21 -2.51 13.03
CA ALA A 137 8.91 -2.96 11.82
C ALA A 137 10.16 -2.15 11.51
N GLN A 138 10.24 -0.93 12.02
CA GLN A 138 11.42 -0.12 11.86
C GLN A 138 11.67 0.63 13.17
N ALA A 139 12.89 0.49 13.67
CA ALA A 139 13.19 0.94 15.02
C ALA A 139 13.00 2.44 15.23
N ASP A 140 13.47 3.25 14.30
CA ASP A 140 13.46 4.69 14.51
C ASP A 140 12.05 5.25 14.43
N ALA A 141 11.28 4.88 13.41
CA ALA A 141 9.88 5.35 13.33
C ALA A 141 9.07 4.91 14.54
N TYR A 142 9.29 3.67 14.98
CA TYR A 142 8.60 3.16 16.15
C TYR A 142 8.97 3.92 17.42
N GLN A 143 10.26 4.14 17.65
CA GLN A 143 10.66 4.87 18.85
C GLN A 143 10.11 6.30 18.84
N ILE A 144 10.20 6.98 17.70
CA ILE A 144 9.73 8.35 17.60
CA ILE A 144 9.73 8.35 17.59
C ILE A 144 8.22 8.37 17.82
N TYR A 145 7.50 7.40 17.21
CA TYR A 145 6.06 7.36 17.40
C TYR A 145 5.70 7.27 18.90
N CYS A 146 6.39 6.40 19.60
CA CYS A 146 6.06 6.10 20.98
C CYS A 146 6.50 7.16 21.96
N GLN A 147 7.64 7.79 21.68
CA GLN A 147 8.33 8.62 22.67
C GLN A 147 8.49 10.10 22.30
N ASN A 148 8.30 10.44 21.03
CA ASN A 148 8.42 11.83 20.57
C ASN A 148 7.38 12.14 19.50
N ARG A 149 6.11 12.14 19.90
CA ARG A 149 5.01 12.33 18.94
C ARG A 149 5.03 13.64 18.16
N VAL A 150 5.52 14.71 18.77
CA VAL A 150 5.62 15.98 18.05
C VAL A 150 6.53 15.83 16.83
N GLU A 151 7.68 15.18 17.04
CA GLU A 151 8.60 14.91 15.95
C GLU A 151 7.99 13.94 14.96
N TYR A 152 7.34 12.89 15.45
CA TYR A 152 6.64 11.93 14.55
C TYR A 152 5.73 12.68 13.56
N GLU A 153 4.88 13.55 14.08
CA GLU A 153 3.93 14.25 13.26
C GLU A 153 4.62 15.21 12.27
N LYS A 154 5.65 15.92 12.73
CA LYS A 154 6.44 16.76 11.82
CA LYS A 154 6.45 16.75 11.83
C LYS A 154 6.99 15.95 10.64
N ARG A 155 7.56 14.79 10.93
CA ARG A 155 8.17 13.97 9.87
CA ARG A 155 8.16 13.99 9.86
C ARG A 155 7.11 13.44 8.92
N VAL A 156 5.96 13.03 9.46
CA VAL A 156 4.89 12.50 8.59
C VAL A 156 4.31 13.63 7.73
N ARG A 157 4.11 14.81 8.30
CA ARG A 157 3.61 15.94 7.50
CA ARG A 157 3.63 15.95 7.50
C ARG A 157 4.60 16.31 6.38
N ARG A 158 5.91 16.24 6.68
CA ARG A 158 6.92 16.57 5.65
C ARG A 158 6.92 15.52 4.56
N GLN A 159 6.77 14.26 4.97
CA GLN A 159 6.64 13.14 4.02
C GLN A 159 5.41 13.28 3.09
N ALA A 160 4.31 13.80 3.62
CA ALA A 160 3.11 13.98 2.82
C ALA A 160 3.33 15.06 1.74
N GLN A 161 4.17 16.05 2.03
CA GLN A 161 4.52 17.06 1.03
C GLN A 161 5.54 16.51 0.01
N GLN A 162 6.50 15.74 0.49
CA GLN A 162 7.51 15.08 -0.35
C GLN A 162 6.81 14.22 -1.39
N PHE A 163 5.81 13.48 -0.93
CA PHE A 163 5.01 12.61 -1.80
C PHE A 163 3.60 13.17 -2.06
N SER A 164 3.53 14.45 -2.43
CA SER A 164 2.25 15.09 -2.70
C SER A 164 1.51 14.38 -3.83
N ALA A 165 0.18 14.39 -3.76
CA ALA A 165 -0.62 13.75 -4.80
C ALA A 165 -0.21 14.23 -6.21
N GLU A 166 -0.04 15.53 -6.40
CA GLU A 166 0.31 16.05 -7.72
C GLU A 166 1.68 15.52 -8.22
N ILE A 167 2.67 15.50 -7.33
CA ILE A 167 4.00 15.02 -7.68
C ILE A 167 3.98 13.54 -8.07
N VAL A 168 3.35 12.75 -7.23
CA VAL A 168 3.31 11.30 -7.36
C VAL A 168 2.46 10.90 -8.55
N GLN A 169 1.31 11.55 -8.74
CA GLN A 169 0.47 11.27 -9.91
C GLN A 169 1.23 11.54 -11.19
N ARG A 170 1.97 12.64 -11.23
CA ARG A 170 2.77 12.94 -12.43
C ARG A 170 3.79 11.84 -12.75
N GLN A 171 4.47 11.33 -11.72
CA GLN A 171 5.38 10.19 -11.88
C GLN A 171 4.67 8.95 -12.42
N MET A 172 3.50 8.66 -11.87
CA MET A 172 2.76 7.47 -12.27
C MET A 172 2.27 7.57 -13.71
N LEU A 173 1.94 8.78 -14.14
CA LEU A 173 1.49 9.01 -15.52
C LEU A 173 2.64 8.96 -16.53
N ASP A 174 3.84 9.25 -16.02
CA ASP A 174 5.06 9.30 -16.82
C ASP A 174 5.73 7.93 -16.95
N ASN A 175 5.13 6.90 -16.36
CA ASN A 175 5.76 5.58 -16.29
C ASN A 175 5.74 4.86 -17.62
#